data_5HHZ
#
_entry.id   5HHZ
#
_cell.length_a   80.066
_cell.length_b   80.066
_cell.length_c   203.213
_cell.angle_alpha   90.00
_cell.angle_beta   90.00
_cell.angle_gamma   90.00
#
_symmetry.space_group_name_H-M   'P 43 21 2'
#
loop_
_entity.id
_entity.type
_entity.pdbx_description
1 polymer 'Cytokinin dehydrogenase 4'
2 non-polymer 'FLAVIN-ADENINE DINUCLEOTIDE'
3 non-polymer 6-(3-methyl-1H-pyrrol-1-yl)-9H-purine
4 water water
#
_entity_poly.entity_id   1
_entity_poly.type   'polypeptide(L)'
_entity_poly.pdbx_seq_one_letter_code
;AGHMLPVEPPAELLQLGGGDVGGGRLSVDASDIAEASRDFGGVARAEPMAVFHPRAAGDVAGLVGAAFRSARGFRVSARG
HGHSISGQAQAAGGVVVDMSRGRGPGAAVARALPVHSAALGGHYVDVWGGELWVDVLNWTLSHGGLAPRSWTDYLYLSVG
GTLSNAGISGQAFHHGPQISNVYELDVVTGKGEVVTCSETENPDLFFGVLGGLGQFGIITRARIALERAPKRVRWIRALY
SNFSEFTADQERLISLGSGGGRRFDYVEGFVVAAEGLINNWRSSFFSPQNPVKLTSLKHHSSVLYCLEVTKNYDDETAGS
VDQDVDTLLGELNFLPGTVFTTDLPYVDFLDRVHKAELKLRAKGMWEVPHPWLNLFVPASRIADFDRGVFRGVLGGRTAG
AGGPVLIYPMNKHKWDPRSSAVTPDEEVFYLVAFLRSALPGAPESLEALARQNQRILDFCAGTGIGAKQYLPGHKARHEW
AEHFGAARWDRFARLKAEFDPRAILAAGQGIFRPPGSPALAADS
;
_entity_poly.pdbx_strand_id   A
#
loop_
_chem_comp.id
_chem_comp.type
_chem_comp.name
_chem_comp.formula
FAD non-polymer 'FLAVIN-ADENINE DINUCLEOTIDE' 'C27 H33 N9 O15 P2'
ZME non-polymer 6-(3-methyl-1H-pyrrol-1-yl)-9H-purine 'C10 H9 N5'
#
# COMPACT_ATOMS: atom_id res chain seq x y z
N GLY A 23 20.29 6.21 -23.35
CA GLY A 23 20.66 4.93 -22.77
C GLY A 23 19.57 3.88 -22.81
N GLY A 24 18.31 4.34 -22.81
CA GLY A 24 17.12 3.47 -22.81
C GLY A 24 16.62 3.05 -24.17
N ARG A 25 15.76 2.02 -24.20
CA ARG A 25 15.20 1.50 -25.45
C ARG A 25 13.67 1.34 -25.50
N LEU A 26 13.08 1.71 -26.65
CA LEU A 26 11.67 1.53 -26.93
C LEU A 26 11.49 0.09 -27.39
N SER A 27 10.47 -0.57 -26.88
CA SER A 27 10.16 -1.94 -27.25
C SER A 27 8.71 -2.07 -27.72
N VAL A 28 8.50 -2.87 -28.79
CA VAL A 28 7.18 -3.17 -29.34
C VAL A 28 6.92 -4.68 -29.29
N ASP A 29 7.74 -5.41 -28.51
CA ASP A 29 7.59 -6.84 -28.30
C ASP A 29 6.16 -7.01 -27.72
N ALA A 30 5.35 -7.88 -28.38
CA ALA A 30 3.95 -8.16 -28.01
C ALA A 30 3.80 -8.61 -26.56
N SER A 31 4.82 -9.31 -26.02
CA SER A 31 4.85 -9.77 -24.63
C SER A 31 4.99 -8.61 -23.65
N ASP A 32 5.84 -7.61 -23.99
CA ASP A 32 6.04 -6.38 -23.23
C ASP A 32 4.76 -5.56 -23.28
N ILE A 33 4.15 -5.42 -24.49
CA ILE A 33 2.90 -4.70 -24.72
C ILE A 33 1.77 -5.32 -23.89
N ALA A 34 1.59 -6.66 -23.96
CA ALA A 34 0.54 -7.38 -23.21
C ALA A 34 0.69 -7.17 -21.70
N GLU A 35 1.94 -7.25 -21.16
CA GLU A 35 2.21 -7.05 -19.75
C GLU A 35 1.90 -5.60 -19.30
N ALA A 36 2.29 -4.61 -20.13
CA ALA A 36 2.04 -3.19 -19.88
C ALA A 36 0.54 -2.80 -20.03
N SER A 37 -0.28 -3.71 -20.58
CA SER A 37 -1.71 -3.59 -20.83
C SER A 37 -2.56 -4.34 -19.79
N ARG A 38 -1.92 -4.85 -18.76
CA ARG A 38 -2.64 -5.59 -17.73
C ARG A 38 -2.13 -5.24 -16.34
N ASP A 39 -2.89 -5.63 -15.30
CA ASP A 39 -2.50 -5.46 -13.91
C ASP A 39 -3.14 -6.54 -13.06
N PHE A 40 -2.83 -6.55 -11.76
CA PHE A 40 -3.35 -7.51 -10.79
C PHE A 40 -4.90 -7.54 -10.73
N GLY A 41 -5.53 -6.39 -10.94
CA GLY A 41 -6.99 -6.31 -10.98
C GLY A 41 -7.62 -7.22 -12.04
N GLY A 42 -6.97 -7.33 -13.19
CA GLY A 42 -7.38 -8.20 -14.28
C GLY A 42 -8.58 -7.74 -15.09
N VAL A 43 -8.91 -6.44 -15.00
CA VAL A 43 -10.07 -5.88 -15.70
C VAL A 43 -9.64 -4.85 -16.76
N ALA A 44 -8.98 -3.76 -16.33
CA ALA A 44 -8.52 -2.68 -17.22
C ALA A 44 -7.43 -3.21 -18.14
N ARG A 45 -7.59 -2.98 -19.46
CA ARG A 45 -6.66 -3.48 -20.48
C ARG A 45 -6.22 -2.46 -21.54
N ALA A 46 -6.08 -1.18 -21.18
CA ALA A 46 -5.63 -0.13 -22.10
C ALA A 46 -4.18 -0.35 -22.57
N GLU A 47 -4.00 -0.55 -23.89
CA GLU A 47 -2.71 -0.84 -24.53
C GLU A 47 -1.86 0.39 -24.86
N PRO A 48 -0.55 0.38 -24.52
CA PRO A 48 0.32 1.48 -24.95
C PRO A 48 0.80 1.23 -26.40
N MET A 49 1.44 2.23 -27.02
CA MET A 49 2.03 2.08 -28.35
C MET A 49 3.37 1.32 -28.21
N ALA A 50 4.14 1.65 -27.14
CA ALA A 50 5.45 1.06 -26.85
C ALA A 50 5.73 0.98 -25.34
N VAL A 51 6.73 0.14 -24.96
CA VAL A 51 7.22 -0.01 -23.59
C VAL A 51 8.65 0.53 -23.58
N PHE A 52 8.98 1.44 -22.64
CA PHE A 52 10.33 2.00 -22.51
C PHE A 52 11.10 1.34 -21.34
N HIS A 53 12.34 0.88 -21.62
CA HIS A 53 13.20 0.23 -20.64
C HIS A 53 14.38 1.17 -20.33
N PRO A 54 14.28 1.99 -19.27
CA PRO A 54 15.37 2.95 -19.00
C PRO A 54 16.56 2.31 -18.30
N ARG A 55 17.73 2.94 -18.35
CA ARG A 55 18.90 2.42 -17.65
C ARG A 55 19.17 3.29 -16.43
N ALA A 56 18.81 4.57 -16.53
CA ALA A 56 19.03 5.57 -15.51
C ALA A 56 17.91 6.61 -15.54
N ALA A 57 17.94 7.56 -14.57
CA ALA A 57 16.99 8.66 -14.43
C ALA A 57 16.97 9.54 -15.67
N GLY A 58 18.15 9.79 -16.26
CA GLY A 58 18.30 10.62 -17.46
C GLY A 58 17.44 10.15 -18.63
N ASP A 59 17.33 8.80 -18.81
CA ASP A 59 16.53 8.17 -19.85
C ASP A 59 15.04 8.44 -19.63
N VAL A 60 14.57 8.33 -18.35
CA VAL A 60 13.16 8.59 -17.98
C VAL A 60 12.87 10.05 -18.31
N ALA A 61 13.79 10.96 -17.92
CA ALA A 61 13.71 12.40 -18.18
C ALA A 61 13.63 12.72 -19.67
N GLY A 62 14.38 11.98 -20.50
CA GLY A 62 14.38 12.14 -21.95
C GLY A 62 13.06 11.77 -22.59
N LEU A 63 12.46 10.65 -22.16
CA LEU A 63 11.17 10.19 -22.66
C LEU A 63 10.04 11.14 -22.27
N VAL A 64 10.02 11.58 -20.98
CA VAL A 64 8.98 12.51 -20.48
C VAL A 64 9.16 13.87 -21.16
N GLY A 65 10.41 14.25 -21.39
CA GLY A 65 10.79 15.47 -22.11
C GLY A 65 10.21 15.45 -23.52
N ALA A 66 10.34 14.31 -24.22
CA ALA A 66 9.81 14.11 -25.58
C ALA A 66 8.28 14.23 -25.60
N ALA A 67 7.56 13.52 -24.67
CA ALA A 67 6.10 13.60 -24.54
C ALA A 67 5.64 15.04 -24.28
N PHE A 68 6.32 15.77 -23.38
CA PHE A 68 6.01 17.15 -23.05
C PHE A 68 6.17 18.10 -24.24
N ARG A 69 7.20 17.87 -25.10
CA ARG A 69 7.50 18.69 -26.27
C ARG A 69 6.78 18.23 -27.55
N SER A 70 6.12 17.06 -27.53
CA SER A 70 5.40 16.57 -28.71
C SER A 70 4.12 17.39 -28.97
N ALA A 71 3.61 17.36 -30.21
CA ALA A 71 2.42 18.13 -30.60
C ALA A 71 1.17 17.51 -29.97
N ARG A 72 1.10 16.18 -29.99
CA ARG A 72 0.00 15.37 -29.46
C ARG A 72 0.04 15.32 -27.91
N GLY A 73 1.25 15.16 -27.35
CA GLY A 73 1.45 15.06 -25.91
C GLY A 73 0.98 13.72 -25.40
N PHE A 74 1.63 12.64 -25.88
CA PHE A 74 1.26 11.27 -25.53
C PHE A 74 1.40 10.96 -24.02
N ARG A 75 0.60 9.99 -23.57
CA ARG A 75 0.57 9.54 -22.18
C ARG A 75 1.83 8.76 -21.86
N VAL A 76 2.38 9.03 -20.68
CA VAL A 76 3.53 8.33 -20.12
C VAL A 76 3.16 7.88 -18.70
N SER A 77 3.30 6.57 -18.43
CA SER A 77 3.05 6.05 -17.08
C SER A 77 4.15 5.08 -16.68
N ALA A 78 4.67 5.26 -15.46
CA ALA A 78 5.64 4.34 -14.89
C ALA A 78 4.86 3.10 -14.41
N ARG A 79 5.42 1.91 -14.65
CA ARG A 79 4.82 0.68 -14.12
C ARG A 79 5.85 0.10 -13.14
N GLY A 80 5.39 -0.24 -11.95
CA GLY A 80 6.24 -0.87 -10.93
C GLY A 80 6.17 -2.37 -11.10
N HIS A 81 5.35 -3.06 -10.30
CA HIS A 81 5.21 -4.51 -10.44
C HIS A 81 3.84 -4.87 -11.05
N GLY A 82 3.07 -3.88 -11.46
CA GLY A 82 1.75 -4.07 -12.05
C GLY A 82 0.68 -4.54 -11.07
N HIS A 83 0.81 -4.11 -9.81
CA HIS A 83 -0.15 -4.49 -8.77
C HIS A 83 -1.45 -3.67 -8.65
N SER A 84 -1.63 -2.67 -9.51
CA SER A 84 -2.86 -1.83 -9.58
C SER A 84 -4.13 -2.69 -9.86
N ILE A 85 -5.27 -2.23 -9.38
CA ILE A 85 -6.53 -2.96 -9.49
C ILE A 85 -7.37 -2.46 -10.67
N SER A 86 -7.19 -1.20 -11.07
CA SER A 86 -8.04 -0.64 -12.12
C SER A 86 -7.33 0.19 -13.20
N GLY A 87 -6.18 -0.28 -13.66
CA GLY A 87 -5.45 0.36 -14.75
C GLY A 87 -4.70 1.62 -14.43
N GLN A 88 -4.37 1.86 -13.12
CA GLN A 88 -3.64 3.06 -12.69
C GLN A 88 -2.27 3.26 -13.37
N ALA A 89 -1.62 2.17 -13.79
CA ALA A 89 -0.28 2.23 -14.42
C ALA A 89 -0.35 2.12 -15.98
N GLN A 90 -1.56 2.22 -16.55
CA GLN A 90 -1.78 2.11 -18.00
C GLN A 90 -1.72 3.44 -18.73
N ALA A 91 -1.03 3.44 -19.89
CA ALA A 91 -0.85 4.63 -20.72
C ALA A 91 -1.44 4.35 -22.12
N ALA A 92 -2.79 4.52 -22.24
CA ALA A 92 -3.58 4.30 -23.46
C ALA A 92 -2.96 5.04 -24.65
N GLY A 93 -2.50 4.24 -25.62
CA GLY A 93 -1.83 4.69 -26.83
C GLY A 93 -0.60 5.55 -26.64
N GLY A 94 0.08 5.40 -25.51
CA GLY A 94 1.27 6.17 -25.20
C GLY A 94 2.43 5.26 -24.88
N VAL A 95 3.24 5.63 -23.88
CA VAL A 95 4.38 4.81 -23.51
C VAL A 95 4.37 4.42 -22.01
N VAL A 96 4.48 3.11 -21.73
CA VAL A 96 4.63 2.62 -20.35
C VAL A 96 6.15 2.49 -20.06
N VAL A 97 6.63 3.14 -18.97
CA VAL A 97 8.04 3.04 -18.53
C VAL A 97 8.09 1.83 -17.61
N ASP A 98 8.79 0.75 -18.03
CA ASP A 98 8.96 -0.43 -17.19
C ASP A 98 10.14 -0.11 -16.25
N MET A 99 9.80 0.28 -14.98
CA MET A 99 10.77 0.67 -13.96
C MET A 99 11.57 -0.47 -13.34
N SER A 100 11.16 -1.73 -13.59
CA SER A 100 11.83 -2.92 -13.05
C SER A 100 13.26 -3.13 -13.54
N ARG A 101 14.07 -3.75 -12.67
CA ARG A 101 15.49 -4.07 -12.91
C ARG A 101 15.69 -5.57 -13.14
N VAL A 109 22.92 -3.05 -9.34
CA VAL A 109 23.54 -2.98 -10.65
C VAL A 109 23.53 -1.51 -11.21
N ALA A 110 24.24 -0.55 -10.56
CA ALA A 110 24.98 -0.64 -9.30
C ALA A 110 24.13 -0.01 -8.19
N ARG A 111 24.03 -0.68 -7.04
CA ARG A 111 23.20 -0.20 -5.92
C ARG A 111 24.01 0.55 -4.89
N ALA A 112 23.42 1.62 -4.31
CA ALA A 112 24.07 2.40 -3.27
C ALA A 112 24.02 1.61 -1.95
N LEU A 113 25.07 1.73 -1.16
CA LEU A 113 25.16 1.07 0.13
C LEU A 113 24.44 1.91 1.16
N PRO A 114 23.85 1.27 2.21
CA PRO A 114 23.27 2.05 3.31
C PRO A 114 24.32 2.99 3.92
N VAL A 115 23.86 4.15 4.42
CA VAL A 115 24.71 5.20 4.93
C VAL A 115 24.25 5.60 6.31
N HIS A 116 25.20 5.87 7.20
CA HIS A 116 24.89 6.40 8.52
C HIS A 116 25.03 7.93 8.51
N SER A 117 24.08 8.62 9.15
CA SER A 117 24.13 10.06 9.30
C SER A 117 24.03 10.42 10.77
N ALA A 118 25.00 11.21 11.27
CA ALA A 118 24.99 11.68 12.66
C ALA A 118 23.98 12.81 12.84
N ALA A 119 23.60 13.50 11.74
CA ALA A 119 22.63 14.60 11.81
C ALA A 119 21.20 14.07 12.02
N LEU A 120 20.80 13.06 11.21
CA LEU A 120 19.47 12.44 11.30
C LEU A 120 19.42 11.44 12.47
N GLY A 121 20.60 10.97 12.91
CA GLY A 121 20.76 10.03 14.00
C GLY A 121 20.29 8.63 13.65
N GLY A 122 20.70 8.16 12.48
CA GLY A 122 20.31 6.86 11.95
C GLY A 122 20.77 6.61 10.54
N HIS A 123 20.31 5.49 9.96
CA HIS A 123 20.71 5.08 8.62
C HIS A 123 19.67 5.38 7.53
N TYR A 124 20.12 5.39 6.27
CA TYR A 124 19.27 5.50 5.10
C TYR A 124 19.91 4.72 3.97
N VAL A 125 19.13 4.51 2.90
CA VAL A 125 19.59 3.89 1.69
C VAL A 125 18.87 4.53 0.47
N ASP A 126 19.65 4.85 -0.59
CA ASP A 126 19.12 5.39 -1.84
C ASP A 126 18.80 4.20 -2.70
N VAL A 127 17.58 4.17 -3.23
CA VAL A 127 17.13 3.06 -4.09
C VAL A 127 16.50 3.60 -5.36
N TRP A 128 16.59 2.83 -6.44
CA TRP A 128 15.95 3.15 -7.72
C TRP A 128 14.42 3.02 -7.47
N GLY A 129 13.64 3.92 -8.07
CA GLY A 129 12.18 3.93 -7.92
C GLY A 129 11.47 2.64 -8.27
N GLY A 130 12.06 1.88 -9.22
CA GLY A 130 11.51 0.60 -9.65
C GLY A 130 11.91 -0.61 -8.83
N GLU A 131 12.80 -0.41 -7.83
CA GLU A 131 13.26 -1.51 -6.98
C GLU A 131 12.09 -2.11 -6.20
N LEU A 132 12.06 -3.45 -6.07
CA LEU A 132 11.02 -4.11 -5.29
C LEU A 132 11.46 -4.10 -3.85
N TRP A 133 10.51 -3.89 -2.93
CA TRP A 133 10.79 -3.87 -1.49
C TRP A 133 11.54 -5.14 -1.03
N VAL A 134 11.23 -6.34 -1.63
CA VAL A 134 11.90 -7.62 -1.32
C VAL A 134 13.42 -7.54 -1.62
N ASP A 135 13.79 -6.85 -2.72
CA ASP A 135 15.19 -6.64 -3.09
C ASP A 135 15.86 -5.60 -2.22
N VAL A 136 15.13 -4.54 -1.84
CA VAL A 136 15.61 -3.50 -0.90
C VAL A 136 16.00 -4.24 0.40
N LEU A 137 15.07 -5.05 0.95
CA LEU A 137 15.26 -5.81 2.18
C LEU A 137 16.52 -6.71 2.15
N ASN A 138 16.67 -7.55 1.12
CA ASN A 138 17.83 -8.45 0.98
C ASN A 138 19.13 -7.65 0.92
N TRP A 139 19.11 -6.49 0.24
CA TRP A 139 20.24 -5.59 0.11
C TRP A 139 20.70 -4.96 1.42
N THR A 140 19.77 -4.36 2.18
CA THR A 140 20.06 -3.67 3.44
C THR A 140 20.46 -4.66 4.54
N LEU A 141 19.87 -5.88 4.51
CA LEU A 141 20.18 -6.92 5.50
C LEU A 141 21.61 -7.44 5.28
N SER A 142 22.00 -7.64 4.01
CA SER A 142 23.34 -8.12 3.67
C SER A 142 24.44 -7.01 3.77
N HIS A 143 24.05 -5.75 4.04
CA HIS A 143 24.97 -4.62 4.20
C HIS A 143 24.74 -3.88 5.52
N GLY A 144 25.09 -4.54 6.61
CA GLY A 144 24.97 -3.97 7.93
C GLY A 144 23.81 -4.47 8.76
N GLY A 145 23.05 -5.46 8.24
CA GLY A 145 21.90 -6.00 8.97
C GLY A 145 20.85 -4.93 9.25
N LEU A 146 20.57 -4.08 8.24
CA LEU A 146 19.60 -3.00 8.38
C LEU A 146 18.36 -3.31 7.60
N ALA A 147 17.25 -2.58 7.87
CA ALA A 147 16.00 -2.78 7.14
C ALA A 147 15.06 -1.61 7.30
N PRO A 148 14.15 -1.38 6.32
CA PRO A 148 13.07 -0.39 6.52
C PRO A 148 12.26 -0.70 7.77
N ARG A 149 11.63 0.32 8.37
CA ARG A 149 10.84 0.23 9.62
C ARG A 149 9.35 0.00 9.35
N SER A 150 8.88 0.42 8.17
CA SER A 150 7.45 0.42 7.82
C SER A 150 7.28 -0.34 6.51
N TRP A 151 6.35 -1.31 6.49
CA TRP A 151 6.17 -2.21 5.36
C TRP A 151 4.79 -2.15 4.72
N THR A 152 4.64 -3.01 3.69
CA THR A 152 3.39 -3.43 3.05
C THR A 152 3.35 -4.94 3.43
N ASP A 153 2.17 -5.59 3.36
CA ASP A 153 2.04 -7.01 3.68
C ASP A 153 2.71 -7.89 2.59
N TYR A 154 2.89 -7.33 1.38
CA TYR A 154 3.45 -8.03 0.22
C TYR A 154 4.63 -7.20 -0.30
N LEU A 155 5.81 -7.83 -0.43
CA LEU A 155 7.08 -7.18 -0.80
C LEU A 155 7.40 -7.10 -2.28
N TYR A 156 6.63 -7.79 -3.11
CA TYR A 156 6.86 -7.73 -4.54
C TYR A 156 6.07 -6.55 -5.10
N LEU A 157 6.39 -5.37 -4.58
CA LEU A 157 5.81 -4.07 -4.97
C LEU A 157 6.97 -3.15 -5.12
N SER A 158 6.86 -2.15 -5.99
CA SER A 158 7.95 -1.20 -6.18
C SER A 158 7.90 -0.10 -5.14
N VAL A 159 9.04 0.50 -4.89
CA VAL A 159 9.23 1.63 -4.00
C VAL A 159 8.43 2.85 -4.51
N GLY A 160 8.56 3.17 -5.80
CA GLY A 160 7.85 4.28 -6.44
C GLY A 160 6.35 4.11 -6.37
N GLY A 161 5.90 2.87 -6.57
CA GLY A 161 4.49 2.48 -6.54
C GLY A 161 3.81 2.66 -5.20
N THR A 162 4.44 2.13 -4.12
CA THR A 162 3.88 2.26 -2.77
C THR A 162 4.00 3.68 -2.26
N LEU A 163 5.12 4.39 -2.58
CA LEU A 163 5.28 5.80 -2.16
C LEU A 163 4.29 6.74 -2.87
N SER A 164 3.74 6.31 -4.02
CA SER A 164 2.72 7.07 -4.73
C SER A 164 1.32 6.90 -4.08
N ASN A 165 1.18 5.96 -3.14
CA ASN A 165 -0.08 5.66 -2.46
C ASN A 165 0.04 5.97 -0.96
N ALA A 166 0.77 5.15 -0.22
CA ALA A 166 1.13 5.35 1.20
C ALA A 166 2.05 4.26 1.63
N GLY A 167 1.64 3.00 1.44
CA GLY A 167 2.43 1.84 1.86
C GLY A 167 2.13 1.51 3.30
N ILE A 168 1.14 0.63 3.53
CA ILE A 168 0.68 0.30 4.89
C ILE A 168 0.73 -1.19 5.21
N SER A 169 0.97 -1.49 6.50
CA SER A 169 0.97 -2.84 7.08
C SER A 169 0.86 -2.63 8.63
N GLY A 170 1.06 -3.69 9.40
CA GLY A 170 0.96 -3.67 10.86
C GLY A 170 1.87 -2.71 11.62
N GLN A 171 2.92 -2.16 10.99
CA GLN A 171 3.86 -1.20 11.63
C GLN A 171 3.40 0.26 11.53
N ALA A 172 2.47 0.56 10.60
CA ALA A 172 2.03 1.94 10.35
C ALA A 172 1.49 2.69 11.58
N PHE A 173 0.81 1.99 12.51
CA PHE A 173 0.25 2.62 13.73
C PHE A 173 1.35 3.35 14.55
N HIS A 174 2.58 2.80 14.51
CA HIS A 174 3.73 3.30 15.27
C HIS A 174 4.72 4.12 14.42
N HIS A 175 5.19 3.57 13.28
CA HIS A 175 6.16 4.28 12.43
C HIS A 175 5.54 5.16 11.36
N GLY A 176 4.24 5.01 11.15
CA GLY A 176 3.53 5.69 10.08
C GLY A 176 3.68 4.86 8.81
N PRO A 177 2.98 5.24 7.73
CA PRO A 177 3.09 4.49 6.47
C PRO A 177 4.47 4.71 5.85
N GLN A 178 4.75 4.04 4.74
CA GLN A 178 6.06 4.19 4.04
C GLN A 178 6.36 5.65 3.61
N ILE A 179 5.31 6.44 3.24
CA ILE A 179 5.46 7.88 2.89
C ILE A 179 5.95 8.75 4.08
N SER A 180 5.87 8.25 5.34
CA SER A 180 6.37 8.94 6.55
C SER A 180 7.81 8.45 6.90
N ASN A 181 8.40 7.59 6.05
CA ASN A 181 9.73 6.99 6.32
C ASN A 181 10.70 7.13 5.12
N VAL A 182 10.61 8.28 4.48
CA VAL A 182 11.46 8.63 3.33
C VAL A 182 11.98 10.08 3.53
N TYR A 183 13.29 10.26 3.40
CA TYR A 183 13.95 11.56 3.62
C TYR A 183 14.01 12.42 2.39
N GLU A 184 14.14 11.79 1.22
CA GLU A 184 14.41 12.52 -0.01
C GLU A 184 14.03 11.70 -1.23
N LEU A 185 13.78 12.39 -2.35
CA LEU A 185 13.44 11.81 -3.64
C LEU A 185 14.17 12.53 -4.76
N ASP A 186 14.34 11.82 -5.89
CA ASP A 186 14.66 12.41 -7.17
C ASP A 186 13.38 12.13 -7.95
N VAL A 187 12.80 13.17 -8.52
CA VAL A 187 11.55 13.09 -9.28
C VAL A 187 11.75 13.67 -10.68
N VAL A 188 11.28 12.93 -11.69
CA VAL A 188 11.21 13.38 -13.08
C VAL A 188 9.79 13.93 -13.23
N THR A 189 9.65 15.25 -13.34
CA THR A 189 8.33 15.91 -13.49
C THR A 189 7.70 15.66 -14.88
N GLY A 190 6.45 16.11 -15.06
CA GLY A 190 5.71 16.04 -16.32
C GLY A 190 6.25 16.93 -17.42
N LYS A 191 7.26 17.76 -17.10
CA LYS A 191 8.01 18.60 -18.04
C LYS A 191 9.40 17.97 -18.34
N GLY A 192 9.65 16.77 -17.83
CA GLY A 192 10.90 16.03 -18.04
C GLY A 192 12.13 16.59 -17.34
N GLU A 193 11.92 17.38 -16.29
CA GLU A 193 12.98 17.96 -15.47
C GLU A 193 13.26 17.00 -14.25
N VAL A 194 14.54 16.75 -13.93
CA VAL A 194 14.95 15.92 -12.77
C VAL A 194 15.11 16.87 -11.57
N VAL A 195 14.33 16.63 -10.49
CA VAL A 195 14.36 17.48 -9.31
C VAL A 195 14.64 16.64 -8.05
N THR A 196 15.60 17.09 -7.23
CA THR A 196 15.90 16.50 -5.93
C THR A 196 15.02 17.25 -4.95
N CYS A 197 14.22 16.52 -4.20
CA CYS A 197 13.30 17.14 -3.27
C CYS A 197 13.22 16.40 -1.95
N SER A 198 12.87 17.15 -0.89
CA SER A 198 12.78 16.69 0.51
C SER A 198 11.95 17.72 1.28
N GLU A 199 11.93 17.63 2.63
CA GLU A 199 11.24 18.60 3.47
C GLU A 199 11.92 19.99 3.38
N THR A 200 13.23 20.03 3.10
CA THR A 200 13.97 21.30 3.07
C THR A 200 14.31 21.81 1.66
N GLU A 201 14.03 21.00 0.64
CA GLU A 201 14.40 21.29 -0.73
C GLU A 201 13.26 20.94 -1.68
N ASN A 202 12.66 21.97 -2.35
CA ASN A 202 11.48 21.81 -3.22
C ASN A 202 10.37 21.03 -2.44
N PRO A 203 9.99 21.47 -1.21
CA PRO A 203 9.02 20.67 -0.41
C PRO A 203 7.66 20.46 -1.03
N ASP A 204 7.19 21.41 -1.87
CA ASP A 204 5.90 21.31 -2.56
C ASP A 204 5.87 20.07 -3.42
N LEU A 205 6.94 19.83 -4.18
CA LEU A 205 7.05 18.64 -5.02
C LEU A 205 7.17 17.35 -4.18
N PHE A 206 8.00 17.37 -3.13
CA PHE A 206 8.24 16.23 -2.25
C PHE A 206 6.94 15.73 -1.60
N PHE A 207 6.23 16.63 -0.92
CA PHE A 207 4.96 16.29 -0.27
C PHE A 207 3.83 16.01 -1.26
N GLY A 208 3.89 16.62 -2.44
CA GLY A 208 2.88 16.40 -3.48
C GLY A 208 2.97 15.00 -4.05
N VAL A 209 4.20 14.57 -4.38
CA VAL A 209 4.50 13.25 -4.94
C VAL A 209 4.11 12.09 -3.97
N LEU A 210 4.41 12.26 -2.67
CA LEU A 210 4.11 11.27 -1.62
C LEU A 210 2.60 11.14 -1.46
N GLY A 211 2.08 9.96 -1.84
CA GLY A 211 0.65 9.70 -1.85
C GLY A 211 -0.06 10.37 -3.02
N GLY A 212 0.72 10.94 -3.94
CA GLY A 212 0.29 11.72 -5.11
C GLY A 212 -0.23 11.02 -6.33
N LEU A 213 -0.35 9.66 -6.29
CA LEU A 213 -0.92 8.84 -7.35
C LEU A 213 -0.22 9.01 -8.75
N GLY A 214 1.10 9.25 -8.73
CA GLY A 214 1.92 9.44 -9.94
C GLY A 214 1.65 10.72 -10.72
N GLN A 215 0.82 11.63 -10.17
CA GLN A 215 0.36 12.84 -10.86
C GLN A 215 1.38 13.93 -11.15
N PHE A 216 2.47 14.00 -10.37
CA PHE A 216 3.43 15.10 -10.48
C PHE A 216 4.84 14.73 -10.92
N GLY A 217 5.06 13.46 -11.20
CA GLY A 217 6.36 12.97 -11.64
C GLY A 217 6.64 11.53 -11.32
N ILE A 218 7.71 11.02 -11.94
CA ILE A 218 8.17 9.65 -11.76
C ILE A 218 9.30 9.67 -10.74
N ILE A 219 9.15 8.86 -9.67
CA ILE A 219 10.21 8.71 -8.65
C ILE A 219 11.30 7.82 -9.25
N THR A 220 12.52 8.38 -9.37
CA THR A 220 13.69 7.65 -9.89
C THR A 220 14.62 7.26 -8.75
N ARG A 221 14.57 8.00 -7.64
CA ARG A 221 15.37 7.71 -6.45
C ARG A 221 14.53 7.98 -5.21
N ALA A 222 14.63 7.08 -4.22
CA ALA A 222 13.99 7.28 -2.92
C ALA A 222 15.00 6.99 -1.82
N ARG A 223 15.16 7.92 -0.86
CA ARG A 223 16.10 7.78 0.26
C ARG A 223 15.31 7.21 1.47
N ILE A 224 15.35 5.87 1.66
CA ILE A 224 14.55 5.13 2.66
C ILE A 224 15.19 5.10 4.05
N ALA A 225 14.41 5.45 5.08
CA ALA A 225 14.87 5.40 6.47
C ALA A 225 15.04 3.91 6.86
N LEU A 226 16.09 3.62 7.63
CA LEU A 226 16.41 2.24 8.02
C LEU A 226 16.65 2.14 9.52
N GLU A 227 16.43 0.96 10.05
CA GLU A 227 16.73 0.70 11.46
C GLU A 227 17.55 -0.60 11.50
N ARG A 228 18.19 -0.90 12.65
CA ARG A 228 18.87 -2.18 12.81
C ARG A 228 17.76 -3.22 12.79
N ALA A 229 17.86 -4.20 11.90
CA ALA A 229 16.82 -5.19 11.77
C ALA A 229 16.78 -6.22 12.89
N PRO A 230 15.58 -6.64 13.36
CA PRO A 230 15.54 -7.75 14.33
C PRO A 230 15.89 -9.05 13.58
N LYS A 231 16.27 -10.10 14.31
CA LYS A 231 16.62 -11.37 13.65
C LYS A 231 15.39 -12.26 13.51
N ARG A 232 14.55 -12.29 14.57
CA ARG A 232 13.42 -13.20 14.58
C ARG A 232 12.10 -12.52 14.99
N VAL A 233 11.01 -13.25 14.74
CA VAL A 233 9.67 -12.75 15.00
C VAL A 233 8.88 -13.82 15.78
N ARG A 234 8.17 -13.37 16.83
CA ARG A 234 7.17 -14.19 17.51
C ARG A 234 5.83 -13.72 16.91
N TRP A 235 5.24 -14.51 16.01
CA TRP A 235 4.02 -14.25 15.25
C TRP A 235 2.84 -14.93 15.97
N ILE A 236 1.90 -14.10 16.48
CA ILE A 236 0.73 -14.51 17.26
C ILE A 236 -0.63 -14.15 16.59
N ARG A 237 -1.61 -15.08 16.69
CA ARG A 237 -3.00 -14.94 16.25
C ARG A 237 -3.90 -15.39 17.41
N ALA A 238 -4.94 -14.59 17.74
CA ALA A 238 -5.88 -14.86 18.84
C ALA A 238 -7.30 -14.54 18.35
N LEU A 239 -8.31 -15.35 18.75
CA LEU A 239 -9.70 -15.17 18.30
C LEU A 239 -10.60 -14.42 19.29
N TYR A 240 -11.66 -13.78 18.74
CA TYR A 240 -12.69 -13.02 19.46
C TYR A 240 -13.99 -13.31 18.76
N SER A 241 -15.09 -13.40 19.51
CA SER A 241 -16.43 -13.61 18.91
C SER A 241 -17.19 -12.26 19.00
N ASN A 242 -16.65 -11.32 19.77
CA ASN A 242 -17.27 -10.02 20.00
C ASN A 242 -16.48 -8.87 19.31
N PHE A 243 -17.14 -8.18 18.34
CA PHE A 243 -16.54 -7.07 17.59
C PHE A 243 -16.16 -5.88 18.46
N SER A 244 -16.97 -5.59 19.53
CA SER A 244 -16.71 -4.50 20.47
C SER A 244 -15.44 -4.74 21.29
N GLU A 245 -15.20 -6.01 21.66
CA GLU A 245 -14.00 -6.40 22.42
C GLU A 245 -12.78 -6.44 21.48
N PHE A 246 -12.96 -6.97 20.24
CA PHE A 246 -11.89 -7.06 19.24
C PHE A 246 -11.37 -5.66 18.84
N THR A 247 -12.29 -4.71 18.52
CA THR A 247 -11.92 -3.34 18.16
C THR A 247 -11.34 -2.59 19.34
N ALA A 248 -11.89 -2.80 20.57
CA ALA A 248 -11.36 -2.12 21.76
C ALA A 248 -9.90 -2.55 22.02
N ASP A 249 -9.57 -3.84 21.85
CA ASP A 249 -8.20 -4.36 22.02
C ASP A 249 -7.24 -3.88 20.94
N GLN A 250 -7.68 -3.86 19.66
CA GLN A 250 -6.89 -3.31 18.54
C GLN A 250 -6.57 -1.84 18.81
N GLU A 251 -7.57 -1.07 19.30
CA GLU A 251 -7.38 0.35 19.59
C GLU A 251 -6.43 0.59 20.76
N ARG A 252 -6.54 -0.26 21.80
CA ARG A 252 -5.66 -0.16 22.97
CA ARG A 252 -5.68 -0.21 22.98
C ARG A 252 -4.22 -0.48 22.56
N LEU A 253 -4.00 -1.55 21.78
CA LEU A 253 -2.68 -1.97 21.30
C LEU A 253 -1.95 -0.91 20.47
N ILE A 254 -2.70 -0.14 19.65
CA ILE A 254 -2.12 0.93 18.83
C ILE A 254 -1.79 2.19 19.61
N SER A 255 -2.29 2.28 20.86
CA SER A 255 -2.03 3.44 21.72
C SER A 255 -0.77 3.22 22.60
N LEU A 256 -0.18 2.01 22.57
CA LEU A 256 1.00 1.64 23.39
C LEU A 256 2.31 2.20 22.87
N GLY A 261 8.31 1.27 27.86
CA GLY A 261 7.04 1.21 27.14
C GLY A 261 6.93 -0.01 26.25
N ARG A 262 6.30 -1.07 26.76
CA ARG A 262 6.12 -2.33 26.03
C ARG A 262 4.98 -2.18 25.00
N ARG A 263 5.17 -2.80 23.82
CA ARG A 263 4.20 -2.80 22.70
C ARG A 263 4.50 -3.92 21.71
N PHE A 264 3.51 -4.28 20.88
CA PHE A 264 3.76 -5.23 19.80
C PHE A 264 4.36 -4.38 18.66
N ASP A 265 5.10 -5.01 17.74
CA ASP A 265 5.74 -4.32 16.62
C ASP A 265 4.84 -4.31 15.37
N TYR A 266 3.76 -5.08 15.41
CA TYR A 266 2.82 -5.21 14.30
C TYR A 266 1.45 -5.46 14.87
N VAL A 267 0.41 -4.81 14.31
CA VAL A 267 -0.98 -5.00 14.71
C VAL A 267 -1.86 -5.02 13.48
N GLU A 268 -2.46 -6.17 13.18
CA GLU A 268 -3.44 -6.34 12.11
C GLU A 268 -4.61 -7.16 12.67
N GLY A 269 -5.54 -7.52 11.80
CA GLY A 269 -6.71 -8.32 12.12
C GLY A 269 -7.45 -8.71 10.87
N PHE A 270 -8.29 -9.75 10.99
CA PHE A 270 -9.06 -10.33 9.88
C PHE A 270 -10.44 -10.70 10.39
N VAL A 271 -11.43 -10.67 9.50
CA VAL A 271 -12.82 -11.06 9.79
C VAL A 271 -12.99 -12.42 9.14
N VAL A 272 -13.45 -13.40 9.93
CA VAL A 272 -13.66 -14.79 9.46
C VAL A 272 -15.03 -15.36 9.89
N ALA A 273 -15.63 -16.15 9.01
CA ALA A 273 -16.89 -16.85 9.30
C ALA A 273 -16.58 -17.97 10.30
N ALA A 274 -17.33 -18.02 11.44
CA ALA A 274 -17.15 -19.02 12.51
C ALA A 274 -17.22 -20.47 12.00
N GLU A 275 -18.03 -20.73 10.95
CA GLU A 275 -18.22 -22.05 10.35
C GLU A 275 -16.98 -22.68 9.72
N GLY A 276 -16.21 -21.90 8.96
CA GLY A 276 -15.01 -22.37 8.26
C GLY A 276 -13.84 -22.79 9.13
N LEU A 277 -14.11 -23.11 10.42
CA LEU A 277 -13.11 -23.51 11.41
C LEU A 277 -13.62 -24.69 12.24
N SER A 296 -18.57 -24.03 20.70
CA SER A 296 -18.63 -23.16 21.87
C SER A 296 -18.64 -21.69 21.45
N LEU A 297 -17.54 -21.24 20.78
CA LEU A 297 -17.37 -19.87 20.25
C LEU A 297 -18.48 -19.46 19.26
N LYS A 298 -19.01 -20.46 18.51
CA LYS A 298 -20.10 -20.33 17.54
C LYS A 298 -21.43 -19.94 18.23
N HIS A 299 -21.64 -20.39 19.48
CA HIS A 299 -22.84 -20.08 20.28
C HIS A 299 -22.91 -18.61 20.72
N HIS A 300 -21.78 -17.90 20.64
CA HIS A 300 -21.68 -16.49 21.00
C HIS A 300 -21.79 -15.58 19.76
N SER A 301 -21.24 -16.03 18.61
CA SER A 301 -21.23 -15.29 17.34
C SER A 301 -20.99 -16.19 16.12
N SER A 302 -21.63 -15.86 14.97
CA SER A 302 -21.49 -16.55 13.68
C SER A 302 -20.27 -15.95 12.92
N VAL A 303 -19.74 -14.86 13.45
CA VAL A 303 -18.61 -14.15 12.87
C VAL A 303 -17.49 -14.08 13.89
N LEU A 304 -16.29 -14.52 13.49
CA LEU A 304 -15.13 -14.46 14.36
C LEU A 304 -14.13 -13.44 13.83
N TYR A 305 -13.41 -12.80 14.76
CA TYR A 305 -12.41 -11.78 14.46
C TYR A 305 -11.05 -12.28 14.93
N CYS A 306 -10.08 -12.35 14.01
CA CYS A 306 -8.74 -12.80 14.37
C CYS A 306 -7.81 -11.62 14.58
N LEU A 307 -7.24 -11.46 15.80
CA LEU A 307 -6.25 -10.44 16.09
C LEU A 307 -4.86 -11.00 15.71
N GLU A 308 -4.05 -10.23 14.96
CA GLU A 308 -2.72 -10.68 14.54
C GLU A 308 -1.68 -9.68 14.98
N VAL A 309 -0.75 -10.14 15.84
CA VAL A 309 0.32 -9.30 16.39
C VAL A 309 1.68 -9.96 16.26
N THR A 310 2.76 -9.17 16.39
CA THR A 310 4.10 -9.76 16.41
C THR A 310 4.95 -9.10 17.46
N LYS A 311 6.00 -9.80 17.87
CA LYS A 311 7.00 -9.24 18.75
C LYS A 311 8.36 -9.58 18.09
N ASN A 312 9.06 -8.54 17.65
CA ASN A 312 10.38 -8.65 17.01
C ASN A 312 11.44 -8.82 18.10
N TYR A 313 12.48 -9.61 17.83
CA TYR A 313 13.57 -9.77 18.79
C TYR A 313 14.88 -10.16 18.09
N ASP A 314 16.00 -10.01 18.82
CA ASP A 314 17.34 -10.36 18.35
C ASP A 314 18.08 -11.10 19.48
N ASP A 315 19.39 -11.42 19.28
CA ASP A 315 20.23 -12.10 20.27
C ASP A 315 20.15 -11.44 21.66
N GLU A 316 20.19 -10.10 21.71
CA GLU A 316 20.14 -9.28 22.93
C GLU A 316 18.81 -9.32 23.68
N THR A 317 17.66 -9.41 22.98
CA THR A 317 16.33 -9.40 23.59
C THR A 317 15.67 -10.77 23.69
N ALA A 318 16.28 -11.82 23.09
CA ALA A 318 15.78 -13.20 23.06
C ALA A 318 15.41 -13.81 24.42
N GLY A 319 16.11 -13.37 25.48
CA GLY A 319 15.87 -13.80 26.85
C GLY A 319 14.61 -13.22 27.47
N SER A 320 14.20 -12.01 27.04
CA SER A 320 13.00 -11.33 27.56
C SER A 320 11.73 -11.42 26.69
N VAL A 321 11.85 -11.95 25.44
CA VAL A 321 10.71 -12.04 24.50
C VAL A 321 9.48 -12.80 25.02
N ASP A 322 9.68 -14.00 25.63
CA ASP A 322 8.59 -14.82 26.17
C ASP A 322 7.74 -14.14 27.23
N GLN A 323 8.40 -13.41 28.16
CA GLN A 323 7.70 -12.68 29.22
C GLN A 323 7.06 -11.39 28.72
N ASP A 324 7.76 -10.67 27.80
CA ASP A 324 7.25 -9.44 27.19
C ASP A 324 5.94 -9.72 26.47
N VAL A 325 5.86 -10.87 25.76
CA VAL A 325 4.68 -11.34 25.06
C VAL A 325 3.58 -11.65 26.08
N ASP A 326 3.88 -12.49 27.10
CA ASP A 326 2.94 -12.88 28.18
C ASP A 326 2.31 -11.69 28.88
N THR A 327 3.11 -10.67 29.22
CA THR A 327 2.67 -9.44 29.87
C THR A 327 1.66 -8.67 28.96
N LEU A 328 1.99 -8.51 27.66
CA LEU A 328 1.12 -7.82 26.68
C LEU A 328 -0.17 -8.61 26.41
N LEU A 329 -0.08 -9.95 26.31
CA LEU A 329 -1.25 -10.82 26.08
C LEU A 329 -2.22 -10.87 27.26
N GLY A 330 -1.68 -10.84 28.49
CA GLY A 330 -2.48 -10.88 29.73
C GLY A 330 -3.41 -9.70 29.89
N GLU A 331 -3.02 -8.53 29.35
CA GLU A 331 -3.78 -7.27 29.37
C GLU A 331 -4.95 -7.30 28.35
N LEU A 332 -4.95 -8.29 27.43
CA LEU A 332 -5.94 -8.43 26.37
C LEU A 332 -7.17 -9.24 26.76
N ASN A 333 -8.24 -9.16 25.95
CA ASN A 333 -9.52 -9.79 26.19
C ASN A 333 -9.93 -10.79 25.11
N PHE A 334 -8.92 -11.43 24.46
CA PHE A 334 -9.14 -12.48 23.47
C PHE A 334 -9.73 -13.72 24.16
N LEU A 335 -10.31 -14.64 23.37
CA LEU A 335 -10.89 -15.88 23.89
C LEU A 335 -9.78 -16.82 24.42
N PRO A 336 -9.84 -17.25 25.71
CA PRO A 336 -8.79 -18.15 26.23
C PRO A 336 -8.75 -19.48 25.48
N GLY A 337 -7.53 -19.94 25.18
CA GLY A 337 -7.31 -21.17 24.42
C GLY A 337 -7.37 -21.02 22.92
N THR A 338 -7.37 -19.76 22.39
CA THR A 338 -7.42 -19.50 20.94
C THR A 338 -6.09 -18.88 20.40
N VAL A 339 -5.06 -18.83 21.24
CA VAL A 339 -3.75 -18.28 20.88
C VAL A 339 -2.97 -19.31 20.05
N PHE A 340 -2.54 -18.88 18.83
CA PHE A 340 -1.71 -19.66 17.92
C PHE A 340 -0.41 -18.85 17.79
N THR A 341 0.73 -19.53 18.02
CA THR A 341 2.06 -18.90 17.99
C THR A 341 3.01 -19.63 17.01
N THR A 342 3.88 -18.84 16.35
CA THR A 342 4.89 -19.25 15.37
C THR A 342 6.15 -18.44 15.65
N ASP A 343 7.32 -19.09 15.53
CA ASP A 343 8.62 -18.44 15.72
C ASP A 343 9.38 -18.65 14.43
N LEU A 344 9.84 -17.54 13.81
CA LEU A 344 10.46 -17.62 12.50
C LEU A 344 11.38 -16.42 12.21
N PRO A 345 12.31 -16.55 11.24
CA PRO A 345 13.17 -15.40 10.90
C PRO A 345 12.37 -14.20 10.39
N TYR A 346 12.90 -12.98 10.57
CA TYR A 346 12.27 -11.72 10.15
C TYR A 346 11.90 -11.69 8.66
N VAL A 347 12.84 -12.10 7.77
CA VAL A 347 12.57 -12.17 6.32
C VAL A 347 11.39 -13.08 6.02
N ASP A 348 11.32 -14.25 6.71
CA ASP A 348 10.23 -15.20 6.49
C ASP A 348 8.88 -14.63 6.87
N PHE A 349 8.81 -13.90 7.99
CA PHE A 349 7.55 -13.25 8.38
C PHE A 349 7.16 -12.19 7.32
N LEU A 350 8.11 -11.29 6.95
CA LEU A 350 7.85 -10.22 5.97
C LEU A 350 7.42 -10.74 4.60
N ASP A 351 7.91 -11.94 4.23
CA ASP A 351 7.62 -12.57 2.95
C ASP A 351 6.47 -13.60 2.93
N ARG A 352 5.72 -13.70 4.03
CA ARG A 352 4.60 -14.64 4.18
C ARG A 352 3.57 -14.66 3.01
N VAL A 353 3.27 -13.49 2.37
CA VAL A 353 2.27 -13.40 1.29
C VAL A 353 2.85 -13.97 -0.02
N HIS A 354 4.18 -13.85 -0.20
CA HIS A 354 4.82 -14.44 -1.39
C HIS A 354 4.69 -16.00 -1.34
N LYS A 355 4.77 -16.58 -0.14
CA LYS A 355 4.61 -18.02 0.10
C LYS A 355 3.20 -18.50 -0.26
N ALA A 356 2.18 -17.68 0.08
CA ALA A 356 0.78 -17.96 -0.27
C ALA A 356 0.60 -17.82 -1.79
N GLU A 357 1.30 -16.85 -2.42
CA GLU A 357 1.29 -16.61 -3.87
C GLU A 357 1.77 -17.84 -4.66
N LEU A 358 2.94 -18.41 -4.27
CA LEU A 358 3.52 -19.59 -4.93
C LEU A 358 2.54 -20.79 -4.96
N LYS A 359 1.79 -20.97 -3.86
CA LYS A 359 0.77 -22.01 -3.72
C LYS A 359 -0.40 -21.75 -4.66
N LEU A 360 -0.81 -20.46 -4.78
CA LEU A 360 -1.91 -20.05 -5.65
C LEU A 360 -1.54 -20.18 -7.13
N ARG A 361 -0.29 -19.83 -7.49
CA ARG A 361 0.21 -19.94 -8.86
C ARG A 361 0.21 -21.41 -9.33
N ALA A 362 0.57 -22.35 -8.43
CA ALA A 362 0.60 -23.79 -8.69
C ALA A 362 -0.79 -24.33 -9.06
N LYS A 363 -1.84 -23.76 -8.44
CA LYS A 363 -3.24 -24.12 -8.68
C LYS A 363 -3.94 -23.25 -9.75
N GLY A 364 -3.20 -22.31 -10.35
CA GLY A 364 -3.73 -21.39 -11.36
C GLY A 364 -4.79 -20.45 -10.81
N MET A 365 -4.66 -20.13 -9.50
CA MET A 365 -5.59 -19.29 -8.73
C MET A 365 -5.04 -17.89 -8.44
N TRP A 366 -3.91 -17.51 -9.07
CA TRP A 366 -3.28 -16.21 -8.88
C TRP A 366 -3.64 -15.24 -9.98
N GLU A 367 -3.60 -15.68 -11.24
CA GLU A 367 -3.90 -14.82 -12.39
C GLU A 367 -5.39 -14.85 -12.74
N VAL A 368 -6.21 -14.42 -11.77
CA VAL A 368 -7.67 -14.31 -11.81
C VAL A 368 -8.02 -12.84 -11.51
N PRO A 369 -9.22 -12.31 -11.90
CA PRO A 369 -9.54 -10.93 -11.54
C PRO A 369 -9.55 -10.74 -10.01
N HIS A 370 -9.07 -9.57 -9.55
CA HIS A 370 -9.01 -9.22 -8.13
C HIS A 370 -9.76 -7.91 -7.91
N PRO A 371 -11.11 -7.93 -7.80
CA PRO A 371 -11.85 -6.67 -7.61
C PRO A 371 -11.74 -6.22 -6.15
N TRP A 372 -10.54 -5.74 -5.79
CA TRP A 372 -10.20 -5.32 -4.42
C TRP A 372 -10.77 -3.98 -4.04
N LEU A 373 -11.31 -3.89 -2.82
CA LEU A 373 -11.82 -2.63 -2.30
C LEU A 373 -11.11 -2.32 -0.97
N ASN A 374 -10.48 -1.14 -0.88
CA ASN A 374 -9.74 -0.67 0.30
C ASN A 374 -10.31 0.64 0.83
N LEU A 375 -10.83 0.61 2.08
CA LEU A 375 -11.40 1.79 2.73
C LEU A 375 -10.70 2.17 4.02
N PHE A 376 -10.54 3.47 4.23
CA PHE A 376 -10.10 4.02 5.50
C PHE A 376 -11.42 4.46 6.16
N VAL A 377 -11.76 3.85 7.32
CA VAL A 377 -13.03 4.06 8.03
C VAL A 377 -12.77 4.79 9.35
N PRO A 378 -13.41 5.96 9.61
CA PRO A 378 -13.23 6.62 10.94
C PRO A 378 -13.63 5.66 12.07
N ALA A 379 -12.82 5.58 13.14
CA ALA A 379 -13.05 4.70 14.30
C ALA A 379 -14.44 4.92 14.94
N SER A 380 -14.98 6.16 14.89
CA SER A 380 -16.32 6.46 15.43
C SER A 380 -17.45 5.72 14.69
N ARG A 381 -17.18 5.25 13.46
CA ARG A 381 -18.17 4.55 12.66
C ARG A 381 -17.84 3.09 12.38
N ILE A 382 -16.78 2.53 13.02
CA ILE A 382 -16.40 1.12 12.78
C ILE A 382 -17.45 0.10 13.20
N ALA A 383 -18.15 0.34 14.34
CA ALA A 383 -19.18 -0.56 14.89
C ALA A 383 -20.26 -0.91 13.85
N ASP A 384 -20.71 0.09 13.05
CA ASP A 384 -21.72 -0.03 12.00
C ASP A 384 -21.32 -1.02 10.88
N PHE A 385 -19.99 -1.25 10.67
CA PHE A 385 -19.49 -2.24 9.69
C PHE A 385 -19.81 -3.66 10.04
N ASP A 386 -19.87 -3.99 11.34
CA ASP A 386 -20.20 -5.35 11.79
C ASP A 386 -21.51 -5.91 11.25
N ARG A 387 -22.66 -5.30 11.63
CA ARG A 387 -23.94 -5.80 11.13
C ARG A 387 -24.21 -5.29 9.75
N GLY A 388 -23.72 -4.10 9.44
CA GLY A 388 -23.95 -3.47 8.14
C GLY A 388 -23.28 -4.15 6.96
N VAL A 389 -22.03 -4.60 7.14
CA VAL A 389 -21.24 -5.19 6.06
C VAL A 389 -20.81 -6.62 6.31
N PHE A 390 -20.10 -6.88 7.42
CA PHE A 390 -19.55 -8.19 7.72
C PHE A 390 -20.63 -9.25 7.88
N ARG A 391 -21.76 -8.89 8.50
CA ARG A 391 -22.93 -9.77 8.68
C ARG A 391 -24.03 -9.43 7.63
N GLY A 392 -24.09 -8.16 7.20
CA GLY A 392 -25.08 -7.64 6.26
C GLY A 392 -24.82 -7.97 4.80
N VAL A 393 -24.05 -7.09 4.10
CA VAL A 393 -23.68 -7.21 2.68
C VAL A 393 -22.96 -8.56 2.44
N LEU A 394 -21.96 -8.90 3.28
CA LEU A 394 -21.24 -10.17 3.16
C LEU A 394 -21.93 -11.23 4.02
N ALA A 401 -15.99 -12.04 1.42
CA ALA A 401 -16.36 -12.72 0.18
C ALA A 401 -15.26 -12.60 -0.88
N GLY A 402 -14.98 -13.71 -1.57
CA GLY A 402 -13.93 -13.81 -2.59
C GLY A 402 -12.54 -14.05 -2.02
N GLY A 403 -12.38 -13.83 -0.71
CA GLY A 403 -11.12 -14.00 -0.01
C GLY A 403 -11.04 -13.31 1.34
N PRO A 404 -9.84 -12.93 1.79
CA PRO A 404 -9.71 -12.28 3.10
C PRO A 404 -10.27 -10.86 3.23
N VAL A 405 -10.74 -10.56 4.45
CA VAL A 405 -11.24 -9.25 4.88
C VAL A 405 -10.29 -8.74 5.99
N LEU A 406 -9.40 -7.79 5.67
CA LEU A 406 -8.44 -7.24 6.65
C LEU A 406 -9.07 -6.06 7.38
N ILE A 407 -8.69 -5.89 8.64
CA ILE A 407 -9.16 -4.79 9.48
C ILE A 407 -8.18 -4.46 10.60
N TYR A 408 -7.76 -3.21 10.68
CA TYR A 408 -6.88 -2.74 11.74
C TYR A 408 -6.85 -1.23 11.83
N PRO A 409 -6.69 -0.67 13.03
CA PRO A 409 -6.64 0.78 13.15
C PRO A 409 -5.24 1.36 13.02
N MET A 410 -5.18 2.64 12.69
CA MET A 410 -3.92 3.38 12.57
C MET A 410 -4.06 4.72 13.28
N ASN A 411 -2.95 5.38 13.59
CA ASN A 411 -2.93 6.70 14.24
C ASN A 411 -2.65 7.75 13.19
N LYS A 412 -3.58 8.71 13.02
CA LYS A 412 -3.44 9.79 12.03
C LYS A 412 -2.21 10.67 12.26
N HIS A 413 -1.80 10.90 13.54
CA HIS A 413 -0.64 11.77 13.84
C HIS A 413 0.70 11.28 13.22
N LYS A 414 0.76 9.99 12.79
CA LYS A 414 1.94 9.41 12.12
C LYS A 414 1.94 9.66 10.59
N TRP A 415 0.89 10.33 10.08
CA TRP A 415 0.71 10.68 8.67
C TRP A 415 0.94 12.19 8.56
N ASP A 416 1.92 12.63 7.74
CA ASP A 416 2.17 14.07 7.59
C ASP A 416 1.00 14.70 6.82
N PRO A 417 0.29 15.72 7.38
CA PRO A 417 -0.85 16.31 6.65
C PRO A 417 -0.43 17.11 5.39
N ARG A 418 0.89 17.34 5.19
CA ARG A 418 1.37 18.04 3.99
C ARG A 418 1.36 17.17 2.75
N SER A 419 1.32 15.82 2.92
CA SER A 419 1.34 14.89 1.76
C SER A 419 0.01 14.89 0.97
N SER A 420 0.00 14.28 -0.21
CA SER A 420 -1.22 14.14 -1.02
C SER A 420 -2.16 13.01 -0.48
N ALA A 421 -1.70 12.17 0.46
CA ALA A 421 -2.53 11.08 0.99
C ALA A 421 -3.82 11.58 1.66
N VAL A 422 -4.93 10.88 1.41
CA VAL A 422 -6.27 11.21 1.91
C VAL A 422 -6.70 10.24 2.98
N THR A 423 -6.85 10.74 4.22
CA THR A 423 -7.29 9.89 5.33
C THR A 423 -8.57 10.48 5.92
N PRO A 424 -9.38 9.72 6.69
CA PRO A 424 -10.55 10.35 7.34
C PRO A 424 -10.12 11.42 8.35
N ASP A 425 -11.03 12.36 8.63
CA ASP A 425 -10.84 13.47 9.57
C ASP A 425 -11.04 13.05 11.05
N GLU A 426 -10.32 12.02 11.50
CA GLU A 426 -10.35 11.49 12.86
C GLU A 426 -8.98 10.98 13.24
N GLU A 427 -8.62 11.06 14.54
CA GLU A 427 -7.31 10.64 15.05
C GLU A 427 -7.00 9.15 14.85
N VAL A 428 -8.02 8.31 15.01
CA VAL A 428 -7.88 6.89 14.79
C VAL A 428 -8.81 6.53 13.64
N PHE A 429 -8.29 5.78 12.67
CA PHE A 429 -9.10 5.28 11.54
C PHE A 429 -8.65 3.87 11.21
N TYR A 430 -9.53 3.10 10.63
CA TYR A 430 -9.26 1.74 10.23
C TYR A 430 -9.05 1.55 8.75
N LEU A 431 -8.16 0.60 8.41
CA LEU A 431 -8.11 0.08 7.07
C LEU A 431 -9.14 -1.07 7.11
N VAL A 432 -10.06 -1.10 6.14
CA VAL A 432 -11.00 -2.20 5.94
C VAL A 432 -10.78 -2.62 4.48
N ALA A 433 -10.15 -3.78 4.27
CA ALA A 433 -9.79 -4.25 2.93
C ALA A 433 -10.49 -5.55 2.55
N PHE A 434 -11.25 -5.51 1.45
CA PHE A 434 -12.00 -6.65 0.91
C PHE A 434 -11.10 -7.19 -0.21
N LEU A 435 -10.35 -8.25 0.11
CA LEU A 435 -9.33 -8.80 -0.78
C LEU A 435 -9.85 -10.02 -1.54
N ARG A 436 -10.88 -9.79 -2.33
CA ARG A 436 -11.58 -10.79 -3.11
C ARG A 436 -10.85 -11.27 -4.35
N SER A 437 -11.08 -12.53 -4.68
CA SER A 437 -10.60 -13.14 -5.92
C SER A 437 -11.83 -13.70 -6.61
N ALA A 438 -12.02 -13.35 -7.88
CA ALA A 438 -13.12 -13.90 -8.66
C ALA A 438 -12.71 -15.33 -9.07
N LEU A 439 -13.69 -16.18 -9.41
CA LEU A 439 -13.42 -17.54 -9.88
C LEU A 439 -12.67 -17.50 -11.22
N PRO A 440 -11.67 -18.38 -11.46
CA PRO A 440 -10.95 -18.32 -12.74
C PRO A 440 -11.86 -18.58 -13.95
N GLY A 441 -11.65 -17.80 -15.02
CA GLY A 441 -12.39 -17.89 -16.27
C GLY A 441 -13.90 -17.69 -16.18
N ALA A 442 -14.36 -17.01 -15.11
CA ALA A 442 -15.80 -16.82 -14.86
C ALA A 442 -16.15 -15.33 -14.75
N PRO A 443 -16.43 -14.65 -15.88
CA PRO A 443 -16.77 -13.20 -15.82
C PRO A 443 -17.92 -12.82 -14.88
N GLU A 444 -18.91 -13.72 -14.68
CA GLU A 444 -20.05 -13.46 -13.78
C GLU A 444 -19.63 -13.36 -12.29
N SER A 445 -18.54 -14.07 -11.91
CA SER A 445 -18.04 -14.10 -10.53
C SER A 445 -17.49 -12.69 -10.22
N LEU A 446 -16.75 -12.10 -11.17
CA LEU A 446 -16.21 -10.74 -11.09
C LEU A 446 -17.36 -9.72 -10.99
N GLU A 447 -18.39 -9.90 -11.83
CA GLU A 447 -19.56 -9.02 -11.85
C GLU A 447 -20.29 -9.02 -10.50
N ALA A 448 -20.46 -10.20 -9.84
CA ALA A 448 -21.15 -10.33 -8.55
C ALA A 448 -20.34 -9.65 -7.43
N LEU A 449 -19.01 -9.82 -7.46
CA LEU A 449 -18.10 -9.17 -6.52
C LEU A 449 -18.08 -7.69 -6.72
N ALA A 450 -18.12 -7.18 -7.98
CA ALA A 450 -18.16 -5.74 -8.24
C ALA A 450 -19.48 -5.13 -7.69
N ARG A 451 -20.61 -5.86 -7.80
CA ARG A 451 -21.88 -5.39 -7.24
C ARG A 451 -21.80 -5.33 -5.71
N GLN A 452 -21.12 -6.32 -5.08
CA GLN A 452 -20.91 -6.35 -3.63
C GLN A 452 -20.11 -5.12 -3.18
N ASN A 453 -19.04 -4.76 -3.93
CA ASN A 453 -18.25 -3.55 -3.63
C ASN A 453 -19.11 -2.28 -3.68
N GLN A 454 -19.96 -2.15 -4.72
CA GLN A 454 -20.85 -0.99 -4.87
C GLN A 454 -21.85 -0.88 -3.70
N ARG A 455 -22.38 -2.02 -3.23
CA ARG A 455 -23.30 -2.08 -2.09
C ARG A 455 -22.59 -1.57 -0.81
N ILE A 456 -21.29 -1.88 -0.66
CA ILE A 456 -20.51 -1.42 0.48
C ILE A 456 -20.33 0.11 0.42
N LEU A 457 -20.03 0.64 -0.77
CA LEU A 457 -19.88 2.07 -0.99
C LEU A 457 -21.24 2.79 -0.75
N ASP A 458 -22.34 2.18 -1.21
CA ASP A 458 -23.71 2.69 -1.07
C ASP A 458 -24.09 2.78 0.41
N PHE A 459 -23.70 1.75 1.19
CA PHE A 459 -23.90 1.67 2.62
C PHE A 459 -23.20 2.82 3.33
N CYS A 460 -21.91 3.08 2.99
CA CYS A 460 -21.14 4.17 3.60
C CYS A 460 -21.79 5.54 3.34
N ALA A 461 -22.21 5.77 2.07
CA ALA A 461 -22.85 7.00 1.62
C ALA A 461 -24.22 7.21 2.30
N GLY A 462 -25.04 6.17 2.34
CA GLY A 462 -26.38 6.18 2.89
C GLY A 462 -26.47 6.40 4.39
N THR A 463 -25.41 6.02 5.14
CA THR A 463 -25.34 6.17 6.59
C THR A 463 -24.41 7.29 7.03
N GLY A 464 -23.84 8.02 6.08
CA GLY A 464 -22.94 9.14 6.36
C GLY A 464 -21.61 8.74 6.98
N ILE A 465 -21.08 7.57 6.59
CA ILE A 465 -19.75 7.19 7.09
C ILE A 465 -18.75 7.96 6.21
N GLY A 466 -17.96 8.81 6.82
CA GLY A 466 -16.95 9.60 6.13
C GLY A 466 -15.73 8.74 5.77
N ALA A 467 -15.97 7.57 5.15
CA ALA A 467 -14.88 6.69 4.69
C ALA A 467 -14.18 7.32 3.49
N LYS A 468 -12.91 6.95 3.28
CA LYS A 468 -12.11 7.40 2.15
C LYS A 468 -11.50 6.16 1.52
N GLN A 469 -11.52 6.09 0.19
CA GLN A 469 -10.89 4.96 -0.46
C GLN A 469 -9.38 5.09 -0.42
N TYR A 470 -8.71 3.97 -0.10
CA TYR A 470 -7.25 3.86 -0.22
C TYR A 470 -7.06 3.22 -1.63
N LEU A 471 -6.04 3.64 -2.43
CA LEU A 471 -5.84 3.20 -3.85
C LEU A 471 -7.15 3.55 -4.60
N PRO A 472 -7.61 4.82 -4.51
CA PRO A 472 -8.95 5.15 -5.03
C PRO A 472 -9.19 4.77 -6.48
N GLY A 473 -10.33 4.15 -6.68
CA GLY A 473 -10.81 3.68 -7.98
C GLY A 473 -11.76 4.64 -8.68
N HIS A 474 -11.83 5.91 -8.22
CA HIS A 474 -12.69 6.95 -8.83
C HIS A 474 -12.25 7.27 -10.27
N LYS A 475 -13.20 7.75 -11.09
CA LYS A 475 -12.88 8.14 -12.48
C LYS A 475 -13.56 9.46 -12.92
N ALA A 476 -14.59 9.92 -12.18
CA ALA A 476 -15.34 11.16 -12.47
C ALA A 476 -14.88 12.32 -11.60
N ARG A 477 -14.87 13.55 -12.17
CA ARG A 477 -14.42 14.79 -11.54
C ARG A 477 -15.06 15.08 -10.20
N HIS A 478 -16.40 14.97 -10.11
CA HIS A 478 -17.08 15.24 -8.85
C HIS A 478 -16.77 14.19 -7.76
N GLU A 479 -16.44 12.93 -8.15
CA GLU A 479 -16.05 11.86 -7.21
C GLU A 479 -14.67 12.22 -6.61
N TRP A 480 -13.70 12.66 -7.47
CA TRP A 480 -12.36 13.08 -7.03
C TRP A 480 -12.43 14.31 -6.14
N ALA A 481 -13.32 15.27 -6.49
CA ALA A 481 -13.53 16.50 -5.72
C ALA A 481 -14.02 16.17 -4.31
N GLU A 482 -15.00 15.26 -4.19
CA GLU A 482 -15.57 14.78 -2.93
C GLU A 482 -14.49 13.97 -2.14
N HIS A 483 -13.70 13.14 -2.84
CA HIS A 483 -12.63 12.32 -2.21
C HIS A 483 -11.63 13.23 -1.50
N PHE A 484 -11.06 14.20 -2.24
CA PHE A 484 -10.10 15.15 -1.71
C PHE A 484 -10.70 16.20 -0.76
N GLY A 485 -11.90 16.69 -1.08
CA GLY A 485 -12.50 17.81 -0.36
C GLY A 485 -11.91 19.09 -0.94
N ALA A 486 -12.60 20.24 -0.75
CA ALA A 486 -12.21 21.53 -1.34
C ALA A 486 -10.76 22.00 -1.16
N ALA A 487 -10.26 22.06 0.08
CA ALA A 487 -8.89 22.50 0.34
C ALA A 487 -7.81 21.60 -0.31
N ARG A 488 -7.93 20.26 -0.15
CA ARG A 488 -6.99 19.29 -0.74
C ARG A 488 -7.10 19.25 -2.26
N TRP A 489 -8.33 19.42 -2.80
CA TRP A 489 -8.51 19.43 -4.25
C TRP A 489 -7.82 20.62 -4.89
N ASP A 490 -7.92 21.81 -4.27
CA ASP A 490 -7.28 23.04 -4.76
C ASP A 490 -5.76 22.86 -4.80
N ARG A 491 -5.18 22.35 -3.70
CA ARG A 491 -3.74 22.07 -3.58
C ARG A 491 -3.29 21.04 -4.66
N PHE A 492 -4.06 19.96 -4.89
CA PHE A 492 -3.79 18.90 -5.88
C PHE A 492 -3.77 19.46 -7.33
N ALA A 493 -4.81 20.25 -7.71
CA ALA A 493 -4.94 20.90 -9.02
C ALA A 493 -3.81 21.90 -9.30
N ARG A 494 -3.42 22.69 -8.28
CA ARG A 494 -2.32 23.67 -8.37
C ARG A 494 -1.00 22.97 -8.62
N LEU A 495 -0.77 21.83 -7.91
CA LEU A 495 0.43 21.03 -8.09
C LEU A 495 0.45 20.43 -9.50
N LYS A 496 -0.73 20.01 -10.04
CA LYS A 496 -0.82 19.47 -11.40
C LYS A 496 -0.45 20.54 -12.45
N ALA A 497 -0.96 21.78 -12.28
CA ALA A 497 -0.68 22.90 -13.20
C ALA A 497 0.82 23.24 -13.22
N GLU A 498 1.51 23.10 -12.08
CA GLU A 498 2.93 23.36 -11.94
C GLU A 498 3.81 22.26 -12.51
N PHE A 499 3.54 20.99 -12.12
CA PHE A 499 4.38 19.84 -12.45
C PHE A 499 3.99 18.96 -13.60
N ASP A 500 2.68 18.91 -13.99
CA ASP A 500 2.21 18.12 -15.13
C ASP A 500 1.03 18.84 -15.86
N PRO A 501 1.29 20.07 -16.42
CA PRO A 501 0.21 20.83 -17.08
C PRO A 501 -0.46 20.20 -18.28
N ARG A 502 0.24 19.29 -18.99
CA ARG A 502 -0.32 18.59 -20.15
C ARG A 502 -1.01 17.27 -19.75
N ALA A 503 -0.99 16.95 -18.44
CA ALA A 503 -1.58 15.72 -17.85
C ALA A 503 -1.08 14.45 -18.54
N ILE A 504 0.23 14.41 -18.81
CA ILE A 504 0.93 13.29 -19.45
C ILE A 504 0.99 12.04 -18.53
N LEU A 505 1.33 12.27 -17.26
CA LEU A 505 1.61 11.23 -16.27
C LEU A 505 0.47 10.60 -15.52
N ALA A 506 0.54 9.25 -15.42
CA ALA A 506 -0.40 8.40 -14.68
C ALA A 506 -1.86 8.77 -15.00
N ALA A 507 -2.17 8.89 -16.32
CA ALA A 507 -3.51 9.24 -16.82
C ALA A 507 -4.52 8.14 -16.54
N GLY A 508 -4.01 6.92 -16.31
CA GLY A 508 -4.82 5.74 -15.98
C GLY A 508 -5.58 5.90 -14.68
N GLN A 509 -5.14 6.86 -13.82
CA GLN A 509 -5.78 7.22 -12.56
C GLN A 509 -7.13 7.93 -12.82
N GLY A 510 -7.28 8.54 -14.00
CA GLY A 510 -8.50 9.21 -14.46
C GLY A 510 -8.91 10.43 -13.67
N ILE A 511 -7.93 11.26 -13.30
CA ILE A 511 -8.16 12.47 -12.51
C ILE A 511 -8.20 13.70 -13.41
N PHE A 512 -7.21 13.84 -14.30
CA PHE A 512 -7.05 14.98 -15.19
C PHE A 512 -7.07 14.57 -16.67
N ARG A 513 -7.28 15.55 -17.56
CA ARG A 513 -7.33 15.37 -19.02
C ARG A 513 -6.42 16.42 -19.72
N PRO A 514 -5.93 16.18 -20.98
CA PRO A 514 -5.02 17.16 -21.64
C PRO A 514 -5.30 18.65 -21.43
PA FAD B . 1.90 0.04 -10.10
O1A FAD B . 0.68 -0.71 -9.68
O2A FAD B . 2.69 -0.38 -11.34
O5B FAD B . 1.69 1.59 -10.26
C5B FAD B . 0.86 2.26 -9.27
C4B FAD B . 0.67 3.72 -9.63
O4B FAD B . 1.88 4.44 -9.34
C3B FAD B . 0.36 4.02 -11.09
O3B FAD B . -0.38 5.24 -11.25
C2B FAD B . 1.77 4.16 -11.69
O2B FAD B . 1.78 4.92 -12.90
C1B FAD B . 2.49 4.88 -10.54
N9A FAD B . 3.93 4.64 -10.46
C8A FAD B . 4.58 3.43 -10.50
N7A FAD B . 5.86 3.51 -10.25
C5A FAD B . 6.08 4.87 -10.05
C6A FAD B . 7.25 5.62 -9.81
N6A FAD B . 8.47 5.08 -9.77
N1A FAD B . 7.12 6.95 -9.65
C2A FAD B . 5.90 7.49 -9.74
N3A FAD B . 4.73 6.89 -9.99
C4A FAD B . 4.89 5.56 -10.15
N1 FAD B . -0.54 -1.74 -0.51
C2 FAD B . -0.25 -1.42 0.79
O2 FAD B . -0.09 -0.26 1.15
N3 FAD B . -0.10 -2.41 1.72
C4 FAD B . -0.21 -3.77 1.48
O4 FAD B . -0.06 -4.55 2.42
C4X FAD B . -0.50 -4.12 0.10
N5 FAD B . -0.52 -5.39 -0.23
C5X FAD B . -0.68 -5.70 -1.58
C6 FAD B . -0.65 -7.05 -1.96
C7 FAD B . -0.81 -7.43 -3.29
C7M FAD B . -0.84 -8.90 -3.63
C8 FAD B . -0.98 -6.44 -4.28
C8M FAD B . -1.14 -6.79 -5.73
C9 FAD B . -1.01 -5.10 -3.91
C9A FAD B . -0.88 -4.71 -2.56
N10 FAD B . -0.91 -3.35 -2.15
C10 FAD B . -0.67 -3.02 -0.84
C1' FAD B . -1.23 -2.28 -3.11
C2' FAD B . 0.01 -1.61 -3.71
O2' FAD B . 0.66 -0.77 -2.76
C3' FAD B . -0.34 -0.77 -4.95
O3' FAD B . -0.86 -1.62 -5.97
C4' FAD B . 0.73 0.14 -5.56
O4' FAD B . 0.23 0.65 -6.79
C5' FAD B . 2.11 -0.48 -5.73
O5' FAD B . 2.14 -1.54 -6.71
P FAD B . 3.22 -1.42 -7.95
O1P FAD B . 4.58 -1.09 -7.51
O2P FAD B . 2.93 -2.69 -8.73
O3P FAD B . 2.90 -0.14 -8.82
CAA ZME C . -4.16 -12.84 -3.11
CAK ZME C . -3.75 -12.83 -1.65
CAF ZME C . -3.62 -11.70 -0.83
CAC ZME C . -3.45 -13.96 -0.87
CAE ZME C . -3.13 -13.52 0.41
N6 ZME C . -3.24 -12.06 0.46
C6 ZME C . -3.02 -11.26 1.62
N1 ZME C . -3.16 -11.90 2.79
C2 ZME C . -2.99 -11.23 4.00
N3 ZME C . -2.67 -9.87 3.95
C4 ZME C . -2.56 -9.27 2.78
C5 ZME C . -2.75 -9.97 1.61
N7 ZME C . -2.50 -8.90 0.58
C8 ZME C . -2.22 -7.78 1.28
N9 ZME C . -2.29 -8.11 2.46
#